data_9JPK
#
_entry.id   9JPK
#
_cell.length_a   93.745
_cell.length_b   64.641
_cell.length_c   65.432
_cell.angle_alpha   90.000
_cell.angle_beta   124.207
_cell.angle_gamma   90.000
#
_symmetry.space_group_name_H-M   'C 1 2 1'
#
loop_
_entity.id
_entity.type
_entity.pdbx_description
1 polymer 'Pyruvate dehydrogenase complex repressor'
2 non-polymer 'ZINC ION'
3 water water
#
_entity_poly.entity_id   1
_entity_poly.type   'polypeptide(L)'
_entity_poly.pdbx_seq_one_letter_code
;MLSKSLTLTEQVARQIAGDIAEGVHSVGAKLPPGRVLAEQYGVSAAVIREATERLRAQGLIQSRQGSGSVVVSRTGAQGF
QVSAGLDDREQLASVYELRMELEGGAAALAARRRNATDLAAMAEALAALEANLDHPEQGVEHDIAFHVAIAAATHNRYYQ
DLLQYLNLQLRLAVSTARTNSRRQEGLTAVVHQEHVAVYDAILAGDPDRARLAATRHLQQAASRLRLDLLSPAARQTS
;
_entity_poly.pdbx_strand_id   A,B
#
loop_
_chem_comp.id
_chem_comp.type
_chem_comp.name
_chem_comp.formula
ZN non-polymer 'ZINC ION' 'Zn 2'
#
# COMPACT_ATOMS: atom_id res chain seq x y z
N VAL A 82 -23.04 -8.41 -18.29
CA VAL A 82 -21.89 -8.57 -17.37
C VAL A 82 -22.42 -8.57 -15.94
N SER A 83 -21.75 -9.22 -15.01
CA SER A 83 -22.12 -9.24 -13.57
C SER A 83 -22.02 -7.83 -12.97
N ALA A 84 -21.01 -7.12 -13.42
CA ALA A 84 -20.77 -5.73 -13.01
C ALA A 84 -20.34 -4.95 -14.24
N GLY A 85 -20.85 -3.73 -14.36
CA GLY A 85 -20.58 -2.72 -15.39
C GLY A 85 -19.26 -2.02 -15.20
N LEU A 86 -18.81 -1.24 -16.18
CA LEU A 86 -17.47 -0.63 -16.19
C LEU A 86 -17.18 0.24 -14.96
N ASP A 87 -18.11 1.03 -14.49
CA ASP A 87 -17.77 1.89 -13.32
C ASP A 87 -17.55 1.05 -12.04
N ASP A 88 -18.29 -0.03 -11.83
CA ASP A 88 -18.09 -0.97 -10.70
C ASP A 88 -16.74 -1.66 -10.86
N ARG A 89 -16.39 -2.08 -12.07
CA ARG A 89 -15.07 -2.71 -12.32
C ARG A 89 -13.93 -1.71 -12.04
N GLU A 90 -14.07 -0.45 -12.44
CA GLU A 90 -13.04 0.58 -12.19
C GLU A 90 -12.89 0.87 -10.68
N GLN A 91 -13.98 0.95 -9.94
CA GLN A 91 -13.93 1.18 -8.49
C GLN A 91 -13.25 0.01 -7.78
N LEU A 92 -13.61 -1.20 -8.17
CA LEU A 92 -13.04 -2.44 -7.62
C LEU A 92 -11.55 -2.52 -7.90
N ALA A 93 -11.12 -2.19 -9.10
CA ALA A 93 -9.68 -2.22 -9.43
C ALA A 93 -8.93 -1.20 -8.56
N SER A 94 -9.53 -0.06 -8.32
CA SER A 94 -8.96 0.98 -7.44
C SER A 94 -8.83 0.45 -6.01
N VAL A 95 -9.83 -0.27 -5.53
CA VAL A 95 -9.79 -0.84 -4.16
C VAL A 95 -8.67 -1.90 -4.07
N TYR A 96 -8.53 -2.74 -5.09
CA TYR A 96 -7.44 -3.75 -5.14
C TYR A 96 -6.08 -3.08 -5.24
N GLU A 97 -6.01 -1.95 -5.95
CA GLU A 97 -4.75 -1.19 -6.14
C GLU A 97 -4.22 -0.69 -4.79
N LEU A 98 -5.08 -0.14 -3.95
CA LEU A 98 -4.76 0.31 -2.58
C LEU A 98 -4.41 -0.90 -1.70
N ARG A 99 -5.16 -1.97 -1.83
CA ARG A 99 -4.94 -3.22 -1.10
C ARG A 99 -3.59 -3.78 -1.50
N MET A 100 -3.24 -3.68 -2.78
CA MET A 100 -1.98 -4.25 -3.28
C MET A 100 -0.78 -3.60 -2.58
N GLU A 101 -0.78 -2.29 -2.49
CA GLU A 101 0.29 -1.51 -1.85
C GLU A 101 0.35 -1.80 -0.36
N LEU A 102 -0.77 -1.88 0.34
CA LEU A 102 -0.82 -2.17 1.79
C LEU A 102 -0.29 -3.58 2.13
N GLU A 103 -0.64 -4.58 1.32
CA GLU A 103 -0.21 -6.01 1.45
C GLU A 103 1.31 -6.14 1.26
N GLY A 104 1.87 -5.41 0.31
CA GLY A 104 3.31 -5.36 0.04
C GLY A 104 4.09 -4.80 1.22
N GLY A 105 3.59 -3.72 1.82
CA GLY A 105 4.19 -3.13 3.01
C GLY A 105 4.08 -4.07 4.19
N ALA A 106 2.94 -4.73 4.34
CA ALA A 106 2.72 -5.69 5.44
C ALA A 106 3.65 -6.89 5.26
N ALA A 107 3.81 -7.40 4.05
CA ALA A 107 4.69 -8.57 3.88
C ALA A 107 6.16 -8.25 4.21
N ALA A 108 6.62 -7.08 3.81
CA ALA A 108 7.97 -6.60 4.09
C ALA A 108 8.16 -6.40 5.58
N LEU A 109 7.20 -5.79 6.24
CA LEU A 109 7.33 -5.60 7.70
C LEU A 109 7.32 -6.97 8.37
N ALA A 110 6.44 -7.85 7.94
CA ALA A 110 6.29 -9.18 8.53
C ALA A 110 7.57 -9.97 8.31
N ALA A 111 8.19 -9.86 7.16
CA ALA A 111 9.41 -10.63 6.87
C ALA A 111 10.50 -10.28 7.88
N ARG A 112 10.68 -8.99 8.16
CA ARG A 112 11.66 -8.50 9.16
C ARG A 112 11.26 -8.77 10.62
N ARG A 113 10.02 -8.64 11.00
CA ARG A 113 9.74 -8.68 12.45
C ARG A 113 8.96 -9.91 12.90
N ARG A 114 8.74 -10.91 12.05
CA ARG A 114 7.91 -12.06 12.50
C ARG A 114 8.60 -12.83 13.62
N ASN A 115 7.83 -13.21 14.61
CA ASN A 115 8.31 -13.98 15.78
C ASN A 115 7.65 -15.36 15.77
N ALA A 116 8.02 -16.23 16.69
CA ALA A 116 7.54 -17.63 16.71
C ALA A 116 6.03 -17.72 16.73
N THR A 117 5.37 -16.86 17.47
CA THR A 117 3.89 -16.87 17.49
C THR A 117 3.30 -16.51 16.11
N ASP A 118 3.88 -15.58 15.37
CA ASP A 118 3.39 -15.18 14.02
C ASP A 118 3.54 -16.34 13.04
N LEU A 119 4.67 -17.03 13.08
CA LEU A 119 4.93 -18.16 12.18
C LEU A 119 3.88 -19.25 12.42
N ALA A 120 3.53 -19.53 13.67
CA ALA A 120 2.50 -20.55 13.92
C ALA A 120 1.14 -20.16 13.32
N ALA A 121 0.72 -18.92 13.48
CA ALA A 121 -0.57 -18.46 12.94
C ALA A 121 -0.59 -18.51 11.41
N MET A 122 0.47 -18.12 10.72
CA MET A 122 0.50 -18.22 9.25
C MET A 122 0.50 -19.69 8.81
N ALA A 123 1.30 -20.54 9.44
CA ALA A 123 1.40 -21.96 9.07
C ALA A 123 0.06 -22.67 9.26
N GLU A 124 -0.62 -22.42 10.35
CA GLU A 124 -1.93 -23.03 10.64
C GLU A 124 -2.98 -22.62 9.62
N ALA A 125 -3.05 -21.34 9.26
CA ALA A 125 -4.03 -20.90 8.26
C ALA A 125 -3.66 -21.53 6.93
N LEU A 126 -2.37 -21.57 6.60
CA LEU A 126 -1.92 -22.14 5.31
C LEU A 126 -2.24 -23.63 5.24
N ALA A 127 -2.04 -24.35 6.34
CA ALA A 127 -2.35 -25.78 6.38
C ALA A 127 -3.83 -25.95 6.11
N ALA A 128 -4.68 -25.14 6.73
CA ALA A 128 -6.14 -25.22 6.52
C ALA A 128 -6.53 -24.90 5.07
N LEU A 129 -5.93 -23.90 4.45
CA LEU A 129 -6.16 -23.57 3.02
C LEU A 129 -5.72 -24.76 2.15
N GLU A 130 -4.59 -25.38 2.50
CA GLU A 130 -3.99 -26.51 1.77
C GLU A 130 -4.95 -27.70 1.80
N ALA A 131 -5.54 -27.95 2.95
CA ALA A 131 -6.48 -29.06 3.19
C ALA A 131 -7.84 -28.84 2.53
N ASN A 132 -8.17 -27.63 2.14
CA ASN A 132 -9.53 -27.34 1.60
C ASN A 132 -9.50 -26.92 0.15
N LEU A 133 -8.58 -27.43 -0.63
CA LEU A 133 -8.45 -27.10 -2.06
C LEU A 133 -9.68 -27.55 -2.85
N ASP A 134 -10.33 -28.64 -2.45
CA ASP A 134 -11.54 -29.15 -3.11
C ASP A 134 -12.78 -28.49 -2.50
N HIS A 135 -12.65 -27.65 -1.48
CA HIS A 135 -13.84 -26.99 -0.90
C HIS A 135 -13.64 -25.49 -0.94
N PRO A 136 -13.93 -24.76 -2.03
CA PRO A 136 -13.67 -23.32 -2.13
C PRO A 136 -14.42 -22.46 -1.11
N GLU A 137 -15.59 -22.93 -0.70
CA GLU A 137 -16.48 -22.35 0.30
C GLU A 137 -15.79 -22.23 1.65
N GLN A 138 -15.09 -23.26 2.10
CA GLN A 138 -14.49 -23.31 3.45
C GLN A 138 -13.22 -22.49 3.49
N GLY A 139 -12.67 -22.29 2.32
CA GLY A 139 -11.40 -21.60 2.13
C GLY A 139 -11.42 -20.16 2.58
N VAL A 140 -12.51 -19.46 2.35
CA VAL A 140 -12.60 -17.98 2.62
C VAL A 140 -12.16 -17.64 4.03
N GLU A 141 -12.62 -18.39 5.01
CA GLU A 141 -12.30 -18.15 6.44
C GLU A 141 -10.80 -18.28 6.62
N HIS A 142 -10.21 -19.29 6.02
CA HIS A 142 -8.75 -19.53 6.11
C HIS A 142 -7.94 -18.46 5.41
N ASP A 143 -8.41 -17.96 4.29
CA ASP A 143 -7.74 -16.90 3.52
C ASP A 143 -7.65 -15.61 4.33
N ILE A 144 -8.74 -15.26 4.98
CA ILE A 144 -8.80 -14.10 5.91
C ILE A 144 -7.80 -14.33 7.06
N ALA A 145 -7.79 -15.51 7.64
CA ALA A 145 -6.87 -15.81 8.74
C ALA A 145 -5.44 -15.71 8.27
N PHE A 146 -5.12 -16.19 7.11
CA PHE A 146 -3.72 -16.07 6.65
C PHE A 146 -3.31 -14.60 6.48
N HIS A 147 -4.14 -13.79 5.83
CA HIS A 147 -3.78 -12.38 5.58
C HIS A 147 -3.70 -11.61 6.91
N VAL A 148 -4.60 -11.90 7.82
CA VAL A 148 -4.66 -11.30 9.19
C VAL A 148 -3.44 -11.69 10.00
N ALA A 149 -2.96 -12.92 9.92
CA ALA A 149 -1.75 -13.29 10.66
C ALA A 149 -0.57 -12.48 10.13
N ILE A 150 -0.49 -12.28 8.83
CA ILE A 150 0.60 -11.45 8.28
C ILE A 150 0.48 -10.01 8.81
N ALA A 151 -0.71 -9.45 8.85
CA ALA A 151 -0.89 -8.08 9.38
C ALA A 151 -0.46 -8.02 10.86
N ALA A 152 -0.75 -9.05 11.64
CA ALA A 152 -0.31 -9.10 13.05
C ALA A 152 1.21 -9.11 13.12
N ALA A 153 1.88 -9.81 12.20
CA ALA A 153 3.35 -9.97 12.15
C ALA A 153 4.11 -8.68 11.79
N THR A 154 3.42 -7.65 11.32
CA THR A 154 4.00 -6.32 11.12
C THR A 154 4.38 -5.76 12.49
N HIS A 155 3.57 -6.03 13.51
CA HIS A 155 3.63 -5.59 14.94
C HIS A 155 3.35 -4.09 14.99
N ASN A 156 2.59 -3.59 14.03
CA ASN A 156 2.21 -2.18 13.92
C ASN A 156 0.74 -2.29 14.12
N ARG A 157 0.26 -1.76 15.22
CA ARG A 157 -1.17 -1.86 15.58
C ARG A 157 -2.00 -1.14 14.53
N TYR A 158 -1.54 -0.01 14.02
CA TYR A 158 -2.34 0.77 13.05
C TYR A 158 -2.56 -0.01 11.76
N TYR A 159 -1.48 -0.56 11.23
CA TYR A 159 -1.48 -1.35 9.98
C TYR A 159 -2.33 -2.61 10.17
N GLN A 160 -2.21 -3.21 11.33
CA GLN A 160 -2.91 -4.47 11.65
C GLN A 160 -4.42 -4.26 11.65
N ASP A 161 -4.84 -3.18 12.30
CA ASP A 161 -6.29 -2.84 12.43
C ASP A 161 -6.91 -2.39 11.12
N LEU A 162 -6.18 -1.63 10.33
CA LEU A 162 -6.70 -1.23 9.00
C LEU A 162 -6.90 -2.50 8.15
N LEU A 163 -5.95 -3.44 8.17
CA LEU A 163 -5.97 -4.70 7.36
C LEU A 163 -7.05 -5.68 7.82
N GLN A 164 -7.28 -5.76 9.12
CA GLN A 164 -8.32 -6.62 9.71
C GLN A 164 -9.66 -6.17 9.17
N TYR A 165 -9.87 -4.86 9.14
CA TYR A 165 -11.06 -4.24 8.59
C TYR A 165 -11.16 -4.45 7.08
N LEU A 166 -10.11 -4.24 6.30
CA LEU A 166 -10.13 -4.41 4.82
C LEU A 166 -10.23 -5.88 4.38
N ASN A 167 -9.79 -6.83 5.19
CA ASN A 167 -9.93 -8.25 4.76
C ASN A 167 -11.26 -8.87 5.16
N LEU A 168 -12.20 -8.10 5.64
CA LEU A 168 -13.58 -8.61 5.84
C LEU A 168 -14.41 -8.29 4.59
N GLN A 169 -13.80 -7.68 3.59
CA GLN A 169 -14.46 -7.27 2.35
C GLN A 169 -15.17 -8.46 1.73
N LEU A 170 -16.38 -8.22 1.28
CA LEU A 170 -17.18 -9.25 0.62
C LEU A 170 -16.60 -9.64 -0.74
N ARG A 171 -16.82 -10.87 -1.10
CA ARG A 171 -16.29 -11.45 -2.36
C ARG A 171 -17.44 -11.65 -3.34
N LEU A 172 -17.09 -11.96 -4.58
CA LEU A 172 -18.06 -12.16 -5.68
C LEU A 172 -19.00 -13.32 -5.38
N ALA A 173 -20.27 -13.16 -5.69
CA ALA A 173 -21.30 -14.18 -5.44
C ALA A 173 -20.99 -15.51 -6.14
N VAL A 174 -21.27 -16.60 -5.43
CA VAL A 174 -21.12 -17.99 -5.90
C VAL A 174 -22.14 -18.28 -6.99
N SER A 175 -21.70 -18.88 -8.09
CA SER A 175 -22.60 -19.25 -9.22
C SER A 175 -22.35 -20.71 -9.53
N THR A 176 -23.37 -21.45 -9.97
CA THR A 176 -23.15 -22.88 -10.36
C THR A 176 -22.14 -22.92 -11.51
N ALA A 177 -22.28 -22.03 -12.49
CA ALA A 177 -21.40 -21.94 -13.66
C ALA A 177 -19.99 -21.56 -13.23
N ARG A 178 -19.87 -20.59 -12.36
CA ARG A 178 -18.52 -20.12 -11.95
C ARG A 178 -17.80 -21.20 -11.16
N THR A 179 -18.50 -21.85 -10.23
CA THR A 179 -17.98 -22.94 -9.38
C THR A 179 -17.55 -24.13 -10.22
N ASN A 180 -18.31 -24.44 -11.28
CA ASN A 180 -17.92 -25.53 -12.21
C ASN A 180 -16.70 -25.12 -13.03
N SER A 181 -16.70 -23.91 -13.58
CA SER A 181 -15.52 -23.46 -14.37
C SER A 181 -14.27 -23.30 -13.51
N ARG A 182 -14.38 -22.81 -12.28
CA ARG A 182 -13.21 -22.67 -11.36
C ARG A 182 -12.61 -24.04 -10.98
N ARG A 183 -13.42 -25.06 -10.79
CA ARG A 183 -12.89 -26.41 -10.50
C ARG A 183 -12.10 -26.93 -11.71
N GLN A 184 -12.65 -26.79 -12.92
CA GLN A 184 -11.99 -27.20 -14.18
C GLN A 184 -10.71 -26.38 -14.36
N GLU A 185 -10.78 -25.10 -14.00
CA GLU A 185 -9.72 -24.08 -13.87
C GLU A 185 -8.56 -24.60 -13.02
N GLY A 186 -8.92 -25.25 -11.92
CA GLY A 186 -7.94 -25.54 -10.86
C GLY A 186 -7.46 -24.22 -10.26
N LEU A 187 -8.40 -23.30 -10.05
CA LEU A 187 -8.11 -21.94 -9.55
C LEU A 187 -7.45 -22.01 -8.18
N THR A 188 -7.94 -22.86 -7.30
CA THR A 188 -7.46 -22.99 -5.90
C THR A 188 -5.99 -23.39 -5.93
N ALA A 189 -5.57 -24.28 -6.82
CA ALA A 189 -4.13 -24.60 -6.78
C ALA A 189 -3.26 -23.41 -7.19
N VAL A 190 -3.71 -22.64 -8.17
CA VAL A 190 -2.95 -21.43 -8.62
C VAL A 190 -2.86 -20.44 -7.47
N VAL A 191 -3.97 -20.23 -6.79
CA VAL A 191 -4.06 -19.29 -5.64
C VAL A 191 -3.22 -19.80 -4.47
N HIS A 192 -3.21 -21.10 -4.22
CA HIS A 192 -2.42 -21.69 -3.11
C HIS A 192 -0.95 -21.42 -3.30
N GLN A 193 -0.46 -21.52 -4.53
CA GLN A 193 0.94 -21.26 -4.90
C GLN A 193 1.25 -19.79 -4.58
N GLU A 194 0.33 -18.89 -4.87
CA GLU A 194 0.53 -17.46 -4.54
C GLU A 194 0.51 -17.25 -3.02
N HIS A 195 -0.45 -17.81 -2.29
CA HIS A 195 -0.47 -17.66 -0.81
C HIS A 195 0.83 -18.26 -0.25
N VAL A 196 1.22 -19.44 -0.75
CA VAL A 196 2.48 -20.16 -0.36
C VAL A 196 3.78 -19.38 -0.62
N ALA A 197 3.91 -18.67 -1.73
CA ALA A 197 5.09 -17.86 -2.08
C ALA A 197 5.34 -16.73 -1.08
N VAL A 198 4.31 -16.14 -0.52
CA VAL A 198 4.38 -15.11 0.56
C VAL A 198 4.87 -15.72 1.86
N TYR A 199 4.34 -16.88 2.26
CA TYR A 199 4.75 -17.57 3.50
C TYR A 199 6.21 -17.99 3.41
N ASP A 200 6.63 -18.53 2.29
CA ASP A 200 8.04 -18.93 2.12
C ASP A 200 8.94 -17.70 2.25
N ALA A 201 8.59 -16.59 1.61
CA ALA A 201 9.44 -15.39 1.68
C ALA A 201 9.50 -14.81 3.11
N ILE A 202 8.38 -14.75 3.79
CA ILE A 202 8.27 -14.28 5.19
C ILE A 202 9.05 -15.21 6.13
N LEU A 203 8.97 -16.51 5.93
CA LEU A 203 9.69 -17.51 6.75
C LEU A 203 11.19 -17.31 6.60
N ALA A 204 11.64 -16.96 5.40
CA ALA A 204 13.05 -16.75 5.02
C ALA A 204 13.61 -15.40 5.49
N GLY A 205 12.82 -14.59 6.16
CA GLY A 205 13.26 -13.27 6.61
C GLY A 205 13.73 -12.45 5.46
N ASP A 206 13.03 -12.49 4.35
CA ASP A 206 13.42 -11.78 3.11
C ASP A 206 12.36 -10.75 2.69
N PRO A 207 12.53 -9.46 3.00
CA PRO A 207 11.55 -8.39 2.71
C PRO A 207 11.23 -8.03 1.28
N ASP A 208 12.22 -7.95 0.42
CA ASP A 208 11.93 -7.66 -1.00
C ASP A 208 11.18 -8.83 -1.62
N ARG A 209 11.57 -10.04 -1.27
CA ARG A 209 10.90 -11.23 -1.80
C ARG A 209 9.45 -11.31 -1.31
N ALA A 210 9.23 -11.00 -0.05
CA ALA A 210 7.87 -11.00 0.52
C ALA A 210 6.98 -9.94 -0.12
N ARG A 211 7.49 -8.73 -0.35
CA ARG A 211 6.74 -7.61 -0.95
C ARG A 211 6.38 -7.99 -2.38
N LEU A 212 7.31 -8.56 -3.11
CA LEU A 212 7.07 -8.98 -4.50
C LEU A 212 6.00 -10.07 -4.53
N ALA A 213 6.06 -11.09 -3.67
CA ALA A 213 5.01 -12.12 -3.62
C ALA A 213 3.65 -11.58 -3.18
N ALA A 214 3.59 -10.71 -2.17
CA ALA A 214 2.27 -10.19 -1.76
C ALA A 214 1.60 -9.31 -2.83
N THR A 215 2.37 -8.50 -3.52
CA THR A 215 1.87 -7.60 -4.59
C THR A 215 1.39 -8.43 -5.77
N ARG A 216 2.10 -9.48 -6.09
CA ARG A 216 1.74 -10.39 -7.17
C ARG A 216 0.42 -11.05 -6.82
N HIS A 217 0.23 -11.45 -5.56
CA HIS A 217 -1.03 -12.10 -5.12
C HIS A 217 -2.21 -11.15 -5.33
N LEU A 218 -2.03 -9.91 -4.98
CA LEU A 218 -3.11 -8.93 -5.18
C LEU A 218 -3.34 -8.62 -6.67
N GLN A 219 -2.29 -8.48 -7.47
CA GLN A 219 -2.38 -8.17 -8.93
C GLN A 219 -3.16 -9.30 -9.65
N GLN A 220 -2.83 -10.56 -9.38
CA GLN A 220 -3.50 -11.74 -9.96
C GLN A 220 -4.96 -11.79 -9.52
N ALA A 221 -5.22 -11.52 -8.26
CA ALA A 221 -6.61 -11.54 -7.80
C ALA A 221 -7.44 -10.44 -8.50
N ALA A 222 -6.93 -9.24 -8.63
CA ALA A 222 -7.67 -8.14 -9.33
C ALA A 222 -7.95 -8.51 -10.80
N SER A 223 -6.95 -9.07 -11.46
CA SER A 223 -6.99 -9.55 -12.85
C SER A 223 -8.02 -10.68 -13.01
N ARG A 224 -8.04 -11.65 -12.10
CA ARG A 224 -9.07 -12.72 -12.14
C ARG A 224 -10.46 -12.12 -11.92
N LEU A 225 -10.58 -11.19 -11.00
CA LEU A 225 -11.88 -10.58 -10.65
C LEU A 225 -12.46 -9.80 -11.82
N ARG A 226 -11.64 -9.07 -12.55
CA ARG A 226 -12.05 -8.31 -13.75
C ARG A 226 -12.63 -9.26 -14.80
N LEU A 227 -11.95 -10.35 -15.08
CA LEU A 227 -12.42 -11.35 -16.06
C LEU A 227 -13.77 -11.92 -15.62
N ASP A 228 -13.98 -12.21 -14.34
CA ASP A 228 -15.29 -12.71 -13.86
C ASP A 228 -16.38 -11.66 -14.04
N LEU A 229 -16.10 -10.40 -13.74
CA LEU A 229 -17.12 -9.36 -13.89
C LEU A 229 -17.49 -9.16 -15.37
N LEU A 230 -16.55 -9.29 -16.28
CA LEU A 230 -16.84 -9.19 -17.73
C LEU A 230 -17.50 -10.44 -18.31
N SER A 231 -17.55 -11.56 -17.59
CA SER A 231 -18.04 -12.77 -18.29
C SER A 231 -19.46 -13.28 -18.02
N PRO A 232 -20.30 -12.80 -17.11
CA PRO A 232 -21.60 -13.43 -16.89
C PRO A 232 -22.69 -12.93 -17.84
N ASP B 88 3.75 6.45 22.83
CA ASP B 88 3.33 7.79 22.37
C ASP B 88 4.21 8.21 21.21
N ARG B 89 5.52 8.14 21.36
CA ARG B 89 6.40 8.40 20.19
C ARG B 89 6.27 7.22 19.21
N GLU B 90 6.02 6.01 19.72
CA GLU B 90 5.75 4.75 18.99
C GLU B 90 4.29 4.65 18.52
N GLN B 91 3.37 5.34 19.17
CA GLN B 91 2.01 5.38 18.59
C GLN B 91 2.10 6.24 17.33
N LEU B 92 2.83 7.33 17.42
CA LEU B 92 3.06 8.25 16.30
C LEU B 92 3.88 7.53 15.26
N ALA B 93 4.88 6.80 15.71
CA ALA B 93 5.80 6.15 14.77
C ALA B 93 5.10 5.12 13.88
N SER B 94 4.09 4.47 14.40
CA SER B 94 3.27 3.45 13.71
C SER B 94 2.50 4.07 12.54
N VAL B 95 1.95 5.27 12.72
CA VAL B 95 1.28 6.04 11.64
C VAL B 95 2.36 6.47 10.64
N TYR B 96 3.50 6.89 11.15
CA TYR B 96 4.54 7.38 10.23
C TYR B 96 5.00 6.25 9.30
N GLU B 97 5.14 5.04 9.83
CA GLU B 97 5.54 3.85 9.05
C GLU B 97 4.52 3.57 7.95
N LEU B 98 3.23 3.54 8.27
CA LEU B 98 2.14 3.28 7.30
C LEU B 98 2.11 4.38 6.22
N ARG B 99 2.31 5.63 6.60
CA ARG B 99 2.30 6.75 5.63
C ARG B 99 3.48 6.58 4.68
N MET B 100 4.61 6.16 5.22
CA MET B 100 5.83 5.97 4.42
C MET B 100 5.56 4.95 3.31
N GLU B 101 4.91 3.85 3.63
CA GLU B 101 4.61 2.79 2.64
C GLU B 101 3.68 3.30 1.55
N LEU B 102 2.61 3.98 1.94
CA LEU B 102 1.58 4.54 1.03
C LEU B 102 2.16 5.67 0.18
N GLU B 103 2.94 6.58 0.76
CA GLU B 103 3.53 7.69 -0.03
C GLU B 103 4.45 7.15 -1.12
N GLY B 104 5.20 6.10 -0.81
CA GLY B 104 6.10 5.45 -1.79
C GLY B 104 5.28 4.94 -2.95
N GLY B 105 4.16 4.30 -2.66
CA GLY B 105 3.19 3.80 -3.65
C GLY B 105 2.51 4.89 -4.45
N ALA B 106 2.17 6.00 -3.81
CA ALA B 106 1.50 7.13 -4.50
C ALA B 106 2.40 7.71 -5.57
N ALA B 107 3.67 7.89 -5.26
CA ALA B 107 4.66 8.43 -6.22
C ALA B 107 4.81 7.49 -7.42
N ALA B 108 4.75 6.17 -7.21
CA ALA B 108 4.83 5.16 -8.28
C ALA B 108 3.64 5.24 -9.22
N LEU B 109 2.43 5.36 -8.70
CA LEU B 109 1.20 5.48 -9.50
C LEU B 109 1.24 6.79 -10.26
N ALA B 110 1.67 7.87 -9.61
CA ALA B 110 1.78 9.24 -10.17
C ALA B 110 2.81 9.28 -11.28
N ALA B 111 3.85 8.49 -11.17
CA ALA B 111 4.88 8.41 -12.21
C ALA B 111 4.24 7.91 -13.51
N ARG B 112 3.34 6.94 -13.44
CA ARG B 112 2.69 6.43 -14.66
C ARG B 112 1.40 7.17 -15.03
N ARG B 113 0.67 7.77 -14.12
CA ARG B 113 -0.63 8.32 -14.53
C ARG B 113 -0.71 9.85 -14.59
N ARG B 114 0.39 10.55 -14.38
CA ARG B 114 0.33 12.03 -14.25
C ARG B 114 -0.11 12.74 -15.53
N ASN B 115 -1.07 13.60 -15.35
CA ASN B 115 -1.59 14.51 -16.38
C ASN B 115 -0.67 15.72 -16.50
N ALA B 116 -0.91 16.51 -17.54
CA ALA B 116 -0.31 17.86 -17.67
C ALA B 116 -0.90 18.68 -16.53
N THR B 117 -2.17 18.53 -16.19
CA THR B 117 -2.77 19.22 -15.02
C THR B 117 -2.04 18.79 -13.74
N ASP B 118 -1.73 17.52 -13.58
CA ASP B 118 -1.01 17.05 -12.38
C ASP B 118 0.36 17.69 -12.37
N LEU B 119 1.01 17.75 -13.52
CA LEU B 119 2.35 18.36 -13.54
C LEU B 119 2.30 19.84 -13.14
N ALA B 120 1.25 20.57 -13.46
CA ALA B 120 1.22 22.00 -13.07
C ALA B 120 1.09 22.14 -11.57
N ALA B 121 0.21 21.40 -10.95
CA ALA B 121 0.04 21.50 -9.50
C ALA B 121 1.34 21.13 -8.78
N MET B 122 2.06 20.11 -9.22
CA MET B 122 3.33 19.81 -8.54
C MET B 122 4.32 20.93 -8.80
N ALA B 123 4.35 21.46 -10.02
CA ALA B 123 5.27 22.56 -10.39
C ALA B 123 4.88 23.86 -9.69
N GLU B 124 3.62 24.18 -9.62
CA GLU B 124 3.39 25.48 -8.95
C GLU B 124 3.71 25.36 -7.47
N ALA B 125 3.46 24.22 -6.81
CA ALA B 125 3.77 24.02 -5.40
C ALA B 125 5.28 24.07 -5.21
N LEU B 126 6.01 23.48 -6.13
CA LEU B 126 7.47 23.45 -6.05
C LEU B 126 8.07 24.85 -6.20
N ALA B 127 7.55 25.67 -7.08
CA ALA B 127 8.02 27.06 -7.30
C ALA B 127 7.70 27.93 -6.07
N ALA B 128 6.53 27.78 -5.49
CA ALA B 128 6.21 28.47 -4.23
C ALA B 128 7.17 27.96 -3.13
N LEU B 129 7.46 26.67 -3.10
CA LEU B 129 8.41 26.13 -2.10
C LEU B 129 9.79 26.73 -2.32
N GLU B 130 10.20 26.89 -3.55
CA GLU B 130 11.50 27.50 -3.89
C GLU B 130 11.53 28.99 -3.54
N ALA B 131 10.43 29.71 -3.74
CA ALA B 131 10.32 31.14 -3.43
C ALA B 131 10.40 31.45 -1.94
N ASN B 132 9.82 30.59 -1.12
CA ASN B 132 9.62 30.79 0.32
C ASN B 132 10.64 30.03 1.16
N LEU B 133 11.83 29.82 0.63
CA LEU B 133 12.89 29.08 1.34
C LEU B 133 13.30 29.77 2.65
N ASP B 134 13.26 31.12 2.69
CA ASP B 134 13.63 31.99 3.83
C ASP B 134 12.41 32.31 4.70
N HIS B 135 11.25 31.69 4.48
CA HIS B 135 10.06 31.90 5.35
C HIS B 135 9.44 30.55 5.70
N PRO B 136 9.99 29.75 6.64
CA PRO B 136 9.49 28.40 6.91
C PRO B 136 7.97 28.28 7.16
N GLU B 137 7.41 29.24 7.88
CA GLU B 137 5.97 29.22 8.17
C GLU B 137 5.12 29.31 6.89
N GLN B 138 5.49 30.12 5.91
CA GLN B 138 4.69 30.19 4.63
C GLN B 138 4.88 28.91 3.81
N GLY B 139 6.05 28.29 3.89
CA GLY B 139 6.39 27.10 3.10
C GLY B 139 5.60 25.86 3.47
N VAL B 140 5.06 25.80 4.68
CA VAL B 140 4.34 24.59 5.13
C VAL B 140 3.13 24.34 4.26
N GLU B 141 2.41 25.40 3.91
CA GLU B 141 1.22 25.27 3.04
C GLU B 141 1.60 24.66 1.68
N HIS B 142 2.72 25.06 1.12
CA HIS B 142 3.24 24.55 -0.17
C HIS B 142 3.69 23.09 -0.09
N ASP B 143 4.35 22.67 0.98
CA ASP B 143 4.76 21.25 1.14
C ASP B 143 3.50 20.37 1.18
N ILE B 144 2.48 20.83 1.88
CA ILE B 144 1.19 20.12 1.91
C ILE B 144 0.67 20.07 0.49
N ALA B 145 0.70 21.19 -0.21
CA ALA B 145 0.15 21.28 -1.58
C ALA B 145 0.92 20.37 -2.52
N PHE B 146 2.22 20.29 -2.39
CA PHE B 146 3.05 19.40 -3.24
C PHE B 146 2.72 17.91 -3.08
N HIS B 147 2.63 17.41 -1.84
CA HIS B 147 2.30 16.00 -1.51
C HIS B 147 0.86 15.73 -1.92
N VAL B 148 -0.01 16.71 -1.74
CA VAL B 148 -1.42 16.60 -2.19
C VAL B 148 -1.48 16.49 -3.71
N ALA B 149 -0.64 17.19 -4.43
CA ALA B 149 -0.61 17.06 -5.89
C ALA B 149 -0.12 15.66 -6.27
N ILE B 150 0.84 15.08 -5.57
CA ILE B 150 1.26 13.69 -5.90
C ILE B 150 0.10 12.72 -5.64
N ALA B 151 -0.60 12.90 -4.52
CA ALA B 151 -1.76 12.07 -4.16
C ALA B 151 -2.84 12.19 -5.23
N ALA B 152 -3.16 13.40 -5.69
CA ALA B 152 -4.16 13.64 -6.75
C ALA B 152 -3.71 13.03 -8.07
N ALA B 153 -2.42 12.94 -8.35
CA ALA B 153 -1.88 12.31 -9.57
C ALA B 153 -2.06 10.78 -9.62
N THR B 154 -2.38 10.12 -8.52
CA THR B 154 -2.68 8.68 -8.50
C THR B 154 -3.95 8.38 -9.30
N HIS B 155 -4.93 9.28 -9.27
CA HIS B 155 -6.27 9.09 -9.89
C HIS B 155 -6.99 7.93 -9.23
N ASN B 156 -6.78 7.74 -7.94
CA ASN B 156 -7.41 6.68 -7.14
C ASN B 156 -8.05 7.37 -5.97
N ARG B 157 -9.36 7.48 -5.98
CA ARG B 157 -10.03 8.18 -4.89
C ARG B 157 -9.80 7.50 -3.51
N TYR B 158 -9.89 6.17 -3.43
CA TYR B 158 -9.71 5.42 -2.16
C TYR B 158 -8.30 5.64 -1.60
N TYR B 159 -7.29 5.60 -2.45
CA TYR B 159 -5.89 5.83 -2.08
C TYR B 159 -5.68 7.25 -1.56
N GLN B 160 -6.23 8.25 -2.22
CA GLN B 160 -6.14 9.68 -1.84
C GLN B 160 -6.85 9.93 -0.51
N ASP B 161 -8.02 9.39 -0.32
CA ASP B 161 -8.71 9.61 0.96
C ASP B 161 -7.89 9.04 2.11
N LEU B 162 -7.34 7.84 1.99
CA LEU B 162 -6.53 7.27 3.08
C LEU B 162 -5.26 8.08 3.35
N LEU B 163 -4.57 8.50 2.31
CA LEU B 163 -3.36 9.32 2.48
C LEU B 163 -3.74 10.65 3.13
N GLN B 164 -4.84 11.24 2.73
CA GLN B 164 -5.23 12.53 3.32
C GLN B 164 -5.55 12.38 4.82
N TYR B 165 -6.26 11.33 5.18
CA TYR B 165 -6.62 11.06 6.59
C TYR B 165 -5.35 10.81 7.42
N LEU B 166 -4.40 10.01 6.95
CA LEU B 166 -3.14 9.76 7.68
C LEU B 166 -2.34 11.07 7.83
N ASN B 167 -2.29 11.87 6.79
CA ASN B 167 -1.55 13.15 6.76
C ASN B 167 -2.18 14.15 7.74
N LEU B 168 -3.49 14.20 7.77
CA LEU B 168 -4.27 15.04 8.69
C LEU B 168 -3.97 14.60 10.12
N GLN B 169 -3.90 13.30 10.39
CA GLN B 169 -3.62 12.77 11.73
C GLN B 169 -2.23 13.17 12.18
N LEU B 170 -1.24 13.09 11.30
CA LEU B 170 0.16 13.43 11.62
C LEU B 170 0.33 14.91 11.95
N ARG B 171 -0.33 15.81 11.22
CA ARG B 171 -0.28 17.26 11.47
C ARG B 171 -0.86 17.56 12.84
N LEU B 172 -1.97 16.97 13.18
CA LEU B 172 -2.62 17.17 14.48
C LEU B 172 -1.72 16.66 15.63
N ALA B 173 -1.04 15.55 15.44
CA ALA B 173 -0.18 14.90 16.47
C ALA B 173 1.16 15.60 16.75
N VAL B 174 1.72 16.29 15.78
CA VAL B 174 3.05 16.92 15.93
C VAL B 174 2.85 18.43 15.86
N SER B 175 2.16 19.01 16.82
CA SER B 175 2.02 20.48 16.76
C SER B 175 3.24 21.07 17.50
N THR B 176 4.12 21.74 16.75
CA THR B 176 5.37 22.33 17.29
C THR B 176 5.12 23.05 18.61
N GLY B 186 20.46 22.06 6.82
CA GLY B 186 19.96 23.10 5.90
C GLY B 186 18.50 22.83 5.61
N LEU B 187 17.65 23.13 6.59
CA LEU B 187 16.27 22.66 6.49
C LEU B 187 15.58 23.18 5.25
N THR B 188 15.70 24.45 4.89
CA THR B 188 14.98 24.87 3.68
C THR B 188 15.54 24.14 2.46
N ALA B 189 16.86 24.14 2.34
CA ALA B 189 17.61 23.56 1.19
C ALA B 189 17.67 22.03 1.10
N VAL B 190 17.98 21.33 2.17
CA VAL B 190 18.05 19.85 2.02
C VAL B 190 16.67 19.29 1.69
N VAL B 191 15.61 19.77 2.33
CA VAL B 191 14.24 19.31 2.01
C VAL B 191 13.90 19.67 0.57
N HIS B 192 14.34 20.81 0.06
CA HIS B 192 14.06 21.10 -1.35
C HIS B 192 14.76 20.07 -2.25
N GLN B 193 15.96 19.63 -1.91
CA GLN B 193 16.67 18.59 -2.70
C GLN B 193 15.84 17.32 -2.71
N GLU B 194 15.32 16.90 -1.58
CA GLU B 194 14.48 15.67 -1.53
C GLU B 194 13.17 15.89 -2.29
N HIS B 195 12.54 17.04 -2.07
CA HIS B 195 11.27 17.38 -2.77
C HIS B 195 11.49 17.39 -4.30
N VAL B 196 12.64 17.88 -4.76
CA VAL B 196 12.92 17.92 -6.23
C VAL B 196 13.20 16.53 -6.86
N ALA B 197 13.85 15.63 -6.16
CA ALA B 197 14.14 14.30 -6.70
C ALA B 197 12.84 13.53 -6.95
N VAL B 198 11.83 13.71 -6.12
CA VAL B 198 10.53 13.04 -6.36
C VAL B 198 9.89 13.60 -7.63
N TYR B 199 9.95 14.92 -7.78
CA TYR B 199 9.35 15.61 -8.95
C TYR B 199 10.05 15.21 -10.23
N ASP B 200 11.36 15.09 -10.27
CA ASP B 200 12.09 14.68 -11.51
C ASP B 200 11.70 13.23 -11.88
N ALA B 201 11.70 12.31 -10.89
CA ALA B 201 11.33 10.91 -11.14
C ALA B 201 9.91 10.86 -11.63
N ILE B 202 9.02 11.61 -11.02
CA ILE B 202 7.62 11.62 -11.51
C ILE B 202 7.61 12.23 -12.91
N LEU B 203 8.37 13.27 -13.15
CA LEU B 203 8.35 13.88 -14.50
C LEU B 203 8.85 12.88 -15.53
N ALA B 204 9.89 12.14 -15.21
CA ALA B 204 10.45 11.15 -16.15
C ALA B 204 9.50 9.98 -16.48
N GLY B 205 8.49 9.70 -15.69
CA GLY B 205 7.60 8.57 -15.91
C GLY B 205 8.23 7.34 -15.30
N ASP B 206 9.20 7.50 -14.44
CA ASP B 206 9.90 6.35 -13.84
C ASP B 206 9.26 6.00 -12.50
N PRO B 207 8.48 4.92 -12.36
CA PRO B 207 7.87 4.55 -11.10
C PRO B 207 8.83 4.09 -10.01
N ASP B 208 9.84 3.31 -10.36
CA ASP B 208 10.80 2.80 -9.33
C ASP B 208 11.62 3.94 -8.73
N ARG B 209 12.14 4.84 -9.54
CA ARG B 209 12.92 5.98 -8.99
C ARG B 209 12.02 6.88 -8.16
N ALA B 210 10.77 7.09 -8.57
CA ALA B 210 9.83 7.92 -7.82
C ALA B 210 9.56 7.32 -6.44
N ARG B 211 9.35 6.02 -6.36
CA ARG B 211 9.07 5.35 -5.08
C ARG B 211 10.28 5.52 -4.17
N LEU B 212 11.47 5.32 -4.70
CA LEU B 212 12.66 5.49 -3.84
C LEU B 212 12.90 6.95 -3.48
N ALA B 213 12.65 7.90 -4.35
CA ALA B 213 12.78 9.32 -3.96
C ALA B 213 11.77 9.65 -2.86
N ALA B 214 10.52 9.25 -3.03
CA ALA B 214 9.51 9.56 -2.02
C ALA B 214 9.83 8.85 -0.70
N THR B 215 10.34 7.62 -0.77
CA THR B 215 10.67 6.86 0.43
C THR B 215 11.84 7.50 1.15
N ARG B 216 12.86 7.91 0.41
CA ARG B 216 14.04 8.54 1.01
C ARG B 216 13.61 9.86 1.67
N HIS B 217 12.72 10.62 1.07
CA HIS B 217 12.28 11.88 1.68
C HIS B 217 11.61 11.59 3.01
N LEU B 218 10.79 10.56 3.07
CA LEU B 218 10.12 10.24 4.34
C LEU B 218 11.12 9.70 5.38
N GLN B 219 12.14 8.98 4.95
CA GLN B 219 13.11 8.42 5.90
C GLN B 219 14.00 9.51 6.50
N GLN B 220 14.52 10.41 5.67
CA GLN B 220 15.37 11.51 6.15
C GLN B 220 14.55 12.44 7.03
N ALA B 221 13.29 12.65 6.71
CA ALA B 221 12.43 13.52 7.54
C ALA B 221 12.19 12.88 8.90
N ALA B 222 11.94 11.57 8.91
CA ALA B 222 11.67 10.84 10.15
C ALA B 222 12.89 10.90 11.06
N SER B 223 14.08 10.81 10.49
CA SER B 223 15.34 10.91 11.23
C SER B 223 15.48 12.32 11.80
N ARG B 224 15.05 13.31 11.06
CA ARG B 224 15.13 14.69 11.60
C ARG B 224 14.12 14.82 12.75
N LEU B 225 12.94 14.26 12.65
CA LEU B 225 11.99 14.45 13.77
C LEU B 225 12.48 13.75 15.05
N ARG B 226 12.99 12.53 14.96
CA ARG B 226 13.35 11.69 16.13
C ARG B 226 14.35 12.46 16.98
N LEU B 227 15.36 12.99 16.32
CA LEU B 227 16.49 13.76 16.88
C LEU B 227 16.06 15.13 17.43
N ASP B 228 15.09 15.79 16.83
CA ASP B 228 14.59 17.10 17.30
C ASP B 228 13.89 16.92 18.63
N LEU B 229 13.07 15.90 18.73
CA LEU B 229 12.30 15.60 19.95
C LEU B 229 13.23 15.26 21.13
N LEU B 230 14.37 14.64 20.89
CA LEU B 230 15.35 14.30 21.96
C LEU B 230 16.02 15.54 22.53
N SER B 231 16.39 16.49 21.68
CA SER B 231 17.01 17.72 22.19
C SER B 231 15.91 18.77 22.50
ZN ZN C . -5.32 -14.28 -0.43
ZN ZN D . 7.76 16.90 1.97
#